data_7A99
#
_entry.id   7A99
#
_cell.length_a   37.480
_cell.length_b   67.217
_cell.length_c   102.411
_cell.angle_alpha   90.000
_cell.angle_beta   90.000
_cell.angle_gamma   90.000
#
_symmetry.space_group_name_H-M   'P 21 21 21'
#
loop_
_entity.id
_entity.type
_entity.pdbx_description
1 polymer 'Amino acid ABC transporter, periplasmic amino acid-binding protein,Amino acid ABC transporter, periplasmic amino acid-binding protein'
2 non-polymer ARGININE
3 non-polymer 'ACETATE ION'
4 water water
#
_entity_poly.entity_id   1
_entity_poly.type   'polypeptide(L)'
_entity_poly.pdbx_seq_one_letter_code
;AIDEIKSRGYLLVGLSADFPPFEFVDENGNIVGFDVDLAKEIARRLGVELKIVDMTWDGLIPSLLTKKIDVIISGMTITE
ERKKVVAFSDPYFDAGGGGSGEQYGIAVRKEDTDLLEFINSVLRELKKLEHHHHHH
;
_entity_poly.pdbx_strand_id   A,B
#
loop_
_chem_comp.id
_chem_comp.type
_chem_comp.name
_chem_comp.formula
ACT non-polymer 'ACETATE ION' 'C2 H3 O2 -1'
#
# COMPACT_ATOMS: atom_id res chain seq x y z
N ALA A 1 18.44 23.82 -1.43
CA ALA A 1 17.22 23.30 -0.79
C ALA A 1 17.51 22.62 0.55
N ILE A 2 18.55 21.81 0.65
CA ILE A 2 18.85 21.17 1.93
C ILE A 2 19.17 22.18 3.05
N ASP A 3 20.00 23.18 2.82
CA ASP A 3 20.42 24.07 3.92
C ASP A 3 19.22 24.83 4.50
N GLU A 4 18.34 25.22 3.60
CA GLU A 4 17.08 25.92 3.91
C GLU A 4 16.16 25.08 4.79
N ILE A 5 16.06 23.78 4.49
CA ILE A 5 15.18 22.90 5.24
C ILE A 5 15.83 22.74 6.58
N LYS A 6 17.15 22.55 6.60
CA LYS A 6 17.84 22.35 7.87
C LYS A 6 17.75 23.61 8.76
N SER A 7 17.81 24.80 8.18
CA SER A 7 17.68 26.03 8.99
C SER A 7 16.28 26.20 9.56
N ARG A 8 15.27 25.94 8.73
CA ARG A 8 13.86 25.94 9.13
C ARG A 8 13.55 24.94 10.23
N GLY A 9 14.28 23.82 10.24
CA GLY A 9 14.20 22.86 11.32
C GLY A 9 13.15 21.79 11.11
N TYR A 10 12.44 21.84 9.99
CA TYR A 10 11.50 20.75 9.62
C TYR A 10 11.39 20.61 8.11
N LEU A 11 10.98 19.39 7.72
CA LEU A 11 10.73 18.98 6.39
C LEU A 11 9.21 19.02 6.19
N LEU A 12 8.78 19.73 5.17
CA LEU A 12 7.31 19.82 4.81
C LEU A 12 6.97 18.85 3.77
N VAL A 13 6.22 17.81 4.15
CA VAL A 13 5.83 16.77 3.20
C VAL A 13 4.34 16.90 2.90
N GLY A 14 3.97 17.10 1.65
CA GLY A 14 2.53 17.09 1.29
C GLY A 14 2.02 15.72 0.93
N LEU A 15 0.80 15.45 1.37
CA LEU A 15 0.15 14.23 0.89
C LEU A 15 -1.34 14.47 0.99
N SER A 16 -2.08 13.50 0.44
CA SER A 16 -3.56 13.42 0.58
C SER A 16 -3.93 12.16 1.32
N ALA A 17 -4.31 12.34 2.59
CA ALA A 17 -4.50 11.20 3.47
C ALA A 17 -5.82 10.43 3.23
N ASP A 18 -6.05 9.98 2.01
CA ASP A 18 -7.21 9.20 1.61
C ASP A 18 -6.82 8.00 0.77
N PHE A 19 -5.68 7.38 1.09
CA PHE A 19 -5.18 6.33 0.25
C PHE A 19 -4.43 5.28 1.15
N PRO A 20 -5.19 4.64 2.04
CA PRO A 20 -4.57 3.51 2.79
C PRO A 20 -4.05 2.43 1.81
N PRO A 21 -2.95 1.74 2.14
CA PRO A 21 -2.21 1.88 3.33
C PRO A 21 -1.05 2.85 3.24
N PHE A 22 -1.02 3.72 2.21
CA PHE A 22 0.12 4.66 2.02
C PHE A 22 0.01 5.88 2.87
N GLU A 23 -1.21 6.49 2.88
CA GLU A 23 -1.51 7.55 3.85
C GLU A 23 -3.01 7.55 4.14
N PHE A 24 -3.32 7.63 5.41
CA PHE A 24 -4.69 7.62 5.83
C PHE A 24 -4.82 8.13 7.23
N VAL A 25 -6.08 8.41 7.62
CA VAL A 25 -6.31 9.02 8.93
C VAL A 25 -6.92 7.95 9.81
N ASP A 26 -6.25 7.62 10.92
CA ASP A 26 -6.64 6.46 11.69
C ASP A 26 -7.87 6.82 12.60
N GLU A 27 -8.21 5.94 13.51
CA GLU A 27 -9.48 6.12 14.26
C GLU A 27 -9.28 7.13 15.36
N ASN A 28 -8.08 7.65 15.58
CA ASN A 28 -7.84 8.73 16.54
C ASN A 28 -7.46 10.05 15.89
N GLY A 29 -7.72 10.16 14.59
CA GLY A 29 -7.44 11.38 13.86
C GLY A 29 -5.97 11.61 13.50
N ASN A 30 -5.16 10.55 13.56
CA ASN A 30 -3.76 10.71 13.22
C ASN A 30 -3.49 10.27 11.78
N ILE A 31 -2.57 10.96 11.10
CA ILE A 31 -2.24 10.63 9.73
C ILE A 31 -1.14 9.61 9.80
N VAL A 32 -1.39 8.47 9.21
CA VAL A 32 -0.49 7.34 9.32
C VAL A 32 -0.35 6.64 7.99
N GLY A 33 0.69 5.81 7.89
CA GLY A 33 0.79 4.88 6.80
C GLY A 33 2.23 4.76 6.31
N PHE A 34 2.42 3.96 5.28
CA PHE A 34 3.73 3.69 4.70
C PHE A 34 4.54 4.95 4.33
N ASP A 35 3.86 5.92 3.67
CA ASP A 35 4.46 7.15 3.30
C ASP A 35 4.77 8.02 4.45
N VAL A 36 3.96 8.01 5.51
CA VAL A 36 4.34 8.72 6.72
C VAL A 36 5.61 8.16 7.36
N ASP A 37 5.70 6.84 7.42
CA ASP A 37 6.90 6.22 7.95
C ASP A 37 8.13 6.61 7.11
N LEU A 38 8.00 6.64 5.79
CA LEU A 38 9.11 6.98 4.95
C LEU A 38 9.46 8.45 5.14
N ALA A 39 8.47 9.32 5.25
CA ALA A 39 8.71 10.73 5.48
C ALA A 39 9.50 10.94 6.76
N LYS A 40 9.17 10.19 7.80
CA LYS A 40 9.85 10.29 9.12
C LYS A 40 11.29 9.86 9.00
N GLU A 41 11.52 8.75 8.29
CA GLU A 41 12.87 8.27 8.00
C GLU A 41 13.73 9.37 7.33
N ILE A 42 13.19 10.01 6.31
CA ILE A 42 13.92 11.04 5.57
C ILE A 42 14.21 12.25 6.45
N ALA A 43 13.19 12.66 7.20
CA ALA A 43 13.35 13.77 8.13
C ALA A 43 14.45 13.43 9.15
N ARG A 44 14.40 12.24 9.78
CA ARG A 44 15.43 11.87 10.78
C ARG A 44 16.82 11.99 10.18
N ARG A 45 17.01 11.45 8.96
CA ARG A 45 18.28 11.43 8.28
C ARG A 45 18.78 12.82 7.97
N LEU A 46 17.85 13.71 7.64
CA LEU A 46 18.14 15.14 7.46
C LEU A 46 18.44 15.90 8.75
N GLY A 47 18.13 15.29 9.89
CA GLY A 47 18.27 15.91 11.19
C GLY A 47 17.26 17.01 11.45
N VAL A 48 16.01 16.81 11.01
CA VAL A 48 14.91 17.77 11.16
C VAL A 48 13.62 17.06 11.63
N GLU A 49 12.70 17.84 12.16
CA GLU A 49 11.37 17.37 12.51
C GLU A 49 10.60 17.20 11.20
N LEU A 50 9.51 16.46 11.28
CA LEU A 50 8.62 16.26 10.12
C LEU A 50 7.32 17.04 10.32
N LYS A 51 6.92 17.77 9.30
CA LYS A 51 5.61 18.37 9.27
C LYS A 51 4.84 17.85 8.03
N ILE A 52 3.78 17.11 8.29
CA ILE A 52 2.89 16.57 7.22
C ILE A 52 1.81 17.58 6.97
N VAL A 53 1.65 17.90 5.69
CA VAL A 53 0.59 18.79 5.23
C VAL A 53 -0.40 17.97 4.44
N ASP A 54 -1.58 17.72 5.02
CA ASP A 54 -2.60 16.99 4.34
C ASP A 54 -3.40 17.93 3.40
N MET A 55 -3.66 17.54 2.16
CA MET A 55 -4.45 18.36 1.26
C MET A 55 -5.14 17.51 0.26
N THR A 56 -5.99 18.08 -0.63
CA THR A 56 -6.66 17.25 -1.65
C THR A 56 -5.61 16.78 -2.65
N TRP A 57 -5.82 15.66 -3.33
CA TRP A 57 -4.87 15.15 -4.30
C TRP A 57 -4.45 16.20 -5.31
N ASP A 58 -5.47 16.83 -5.88
CA ASP A 58 -5.22 17.85 -6.91
C ASP A 58 -4.39 18.99 -6.43
N GLY A 59 -4.32 19.23 -5.12
CA GLY A 59 -3.56 20.30 -4.53
C GLY A 59 -2.02 20.09 -4.46
N LEU A 60 -1.58 18.86 -4.58
CA LEU A 60 -0.26 18.52 -4.24
C LEU A 60 0.84 19.13 -5.21
N ILE A 61 0.77 18.88 -6.50
CA ILE A 61 1.73 19.44 -7.43
C ILE A 61 1.74 21.00 -7.33
N PRO A 62 0.53 21.65 -7.31
CA PRO A 62 0.58 23.11 -7.09
C PRO A 62 1.28 23.58 -5.87
N SER A 63 1.05 22.90 -4.74
CA SER A 63 1.68 23.27 -3.53
C SER A 63 3.21 23.06 -3.64
N LEU A 64 3.61 21.99 -4.28
CA LEU A 64 5.04 21.71 -4.54
C LEU A 64 5.63 22.83 -5.40
N LEU A 65 5.01 23.16 -6.51
CA LEU A 65 5.54 24.19 -7.41
C LEU A 65 5.69 25.57 -6.78
N THR A 66 4.80 25.89 -5.84
CA THR A 66 4.73 27.18 -5.19
C THR A 66 5.49 27.17 -3.88
N LYS A 67 6.19 26.11 -3.61
CA LYS A 67 7.08 25.99 -2.45
C LYS A 67 6.44 25.95 -1.11
N LYS A 68 5.15 25.60 -1.03
CA LYS A 68 4.48 25.48 0.25
C LYS A 68 4.78 24.14 0.90
N ILE A 69 5.26 23.18 0.11
CA ILE A 69 5.84 21.92 0.61
C ILE A 69 7.19 21.65 -0.08
N ASP A 70 8.04 20.88 0.62
CA ASP A 70 9.33 20.50 0.02
C ASP A 70 9.20 19.31 -0.93
N VAL A 71 8.34 18.34 -0.56
CA VAL A 71 8.24 17.11 -1.31
C VAL A 71 6.81 16.64 -1.29
N ILE A 72 6.46 15.80 -2.23
CA ILE A 72 5.24 14.96 -2.20
C ILE A 72 5.60 13.49 -1.94
N ILE A 73 5.03 12.96 -0.88
CA ILE A 73 5.10 11.51 -0.59
C ILE A 73 3.66 11.02 -0.36
N SER A 74 3.00 10.58 -1.40
CA SER A 74 1.58 10.42 -1.37
C SER A 74 1.13 9.40 -2.33
N GLY A 75 1.84 8.27 -2.38
CA GLY A 75 1.49 7.17 -3.30
C GLY A 75 1.49 7.54 -4.80
N MET A 76 2.37 8.47 -5.18
CA MET A 76 2.36 9.01 -6.52
C MET A 76 3.15 8.16 -7.52
N THR A 77 2.47 7.68 -8.54
CA THR A 77 3.07 6.96 -9.63
C THR A 77 4.03 7.87 -10.43
N ILE A 78 5.21 7.35 -10.67
CA ILE A 78 6.19 7.97 -11.58
C ILE A 78 5.75 7.77 -12.98
N THR A 79 5.55 8.87 -13.70
CA THR A 79 5.09 8.82 -15.10
C THR A 79 5.85 9.90 -15.92
N GLU A 80 5.94 9.64 -17.22
CA GLU A 80 6.67 10.52 -18.15
C GLU A 80 5.98 11.87 -18.19
N GLU A 81 4.66 11.86 -18.18
CA GLU A 81 3.85 13.10 -18.13
CA GLU A 81 3.86 13.10 -18.15
C GLU A 81 4.17 13.96 -16.96
N ARG A 82 4.20 13.35 -15.78
CA ARG A 82 4.50 14.13 -14.62
C ARG A 82 5.95 14.63 -14.55
N LYS A 83 6.89 13.86 -15.13
CA LYS A 83 8.29 14.33 -15.24
C LYS A 83 8.47 15.58 -16.06
N LYS A 84 7.45 15.98 -16.82
CA LYS A 84 7.47 17.30 -17.51
C LYS A 84 7.41 18.43 -16.51
N VAL A 85 6.87 18.19 -15.30
CA VAL A 85 6.60 19.24 -14.36
C VAL A 85 7.39 19.12 -13.06
N VAL A 86 7.61 17.89 -12.60
CA VAL A 86 8.35 17.64 -11.36
C VAL A 86 9.47 16.63 -11.61
N ALA A 87 10.34 16.48 -10.63
CA ALA A 87 11.31 15.41 -10.64
C ALA A 87 10.83 14.32 -9.68
N PHE A 88 11.26 13.08 -9.91
CA PHE A 88 10.93 11.96 -9.05
C PHE A 88 12.18 11.33 -8.54
N SER A 89 12.12 10.95 -7.28
CA SER A 89 13.06 9.98 -6.74
C SER A 89 13.06 8.65 -7.48
N ASP A 90 14.04 7.85 -7.11
CA ASP A 90 14.01 6.44 -7.41
C ASP A 90 12.64 5.92 -6.87
N PRO A 91 12.13 4.88 -7.49
CA PRO A 91 10.95 4.18 -6.99
C PRO A 91 11.16 3.58 -5.64
N TYR A 92 10.13 3.66 -4.81
CA TYR A 92 10.17 3.08 -3.49
C TYR A 92 9.10 2.07 -3.20
N PHE A 93 8.15 1.93 -4.09
CA PHE A 93 7.11 0.89 -4.05
C PHE A 93 6.80 0.48 -5.47
N ASP A 94 6.73 -0.85 -5.67
CA ASP A 94 6.45 -1.48 -6.96
CA ASP A 94 6.42 -1.43 -6.96
C ASP A 94 5.10 -2.21 -6.86
N ALA A 95 4.05 -1.67 -7.45
CA ALA A 95 2.73 -2.29 -7.31
C ALA A 95 2.65 -3.67 -7.99
N GLY A 96 3.50 -3.87 -9.02
CA GLY A 96 3.43 -5.09 -9.83
C GLY A 96 4.41 -6.19 -9.47
N GLY A 97 5.44 -5.91 -8.67
CA GLY A 97 6.60 -6.83 -8.58
C GLY A 97 7.42 -6.89 -9.89
N GLY A 98 8.72 -7.13 -9.73
CA GLY A 98 9.70 -7.10 -10.83
C GLY A 98 9.88 -5.75 -11.54
N GLY A 99 9.49 -4.64 -10.86
CA GLY A 99 9.37 -3.34 -11.49
C GLY A 99 8.25 -3.20 -12.52
N SER A 100 7.38 -4.21 -12.67
CA SER A 100 6.24 -4.02 -13.52
C SER A 100 5.24 -3.23 -12.70
N GLY A 101 4.37 -2.59 -13.45
CA GLY A 101 3.32 -1.83 -12.93
C GLY A 101 3.71 -0.47 -12.47
N GLU A 102 2.80 0.09 -11.69
CA GLU A 102 2.97 1.41 -11.15
C GLU A 102 4.18 1.31 -10.19
N GLN A 103 5.09 2.27 -10.32
CA GLN A 103 6.11 2.50 -9.31
C GLN A 103 5.88 3.86 -8.71
N TYR A 104 5.87 3.92 -7.39
CA TYR A 104 5.69 5.15 -6.67
C TYR A 104 7.01 5.82 -6.42
N GLY A 105 7.00 7.15 -6.49
CA GLY A 105 8.19 7.98 -6.28
C GLY A 105 7.88 9.16 -5.45
N ILE A 106 8.91 9.77 -4.91
CA ILE A 106 8.80 11.03 -4.14
C ILE A 106 9.02 12.15 -5.14
N ALA A 107 8.08 13.07 -5.19
CA ALA A 107 8.19 14.21 -6.13
C ALA A 107 8.90 15.36 -5.41
N VAL A 108 9.77 15.98 -6.18
CA VAL A 108 10.59 17.11 -5.76
C VAL A 108 10.58 18.17 -6.88
N ARG A 109 10.78 19.40 -6.57
CA ARG A 109 10.90 20.43 -7.64
C ARG A 109 12.15 20.15 -8.46
N LYS A 110 12.08 20.36 -9.76
CA LYS A 110 13.23 20.04 -10.63
C LYS A 110 14.53 20.76 -10.25
N GLU A 111 14.40 21.98 -9.74
CA GLU A 111 15.58 22.77 -9.37
C GLU A 111 16.22 22.33 -8.10
N ASP A 112 15.54 21.49 -7.30
CA ASP A 112 16.03 21.07 -5.98
C ASP A 112 16.81 19.78 -6.09
N THR A 113 17.87 19.81 -6.90
CA THR A 113 18.61 18.61 -7.23
C THR A 113 19.39 18.06 -6.06
N ASP A 114 19.79 18.92 -5.14
CA ASP A 114 20.48 18.46 -3.94
C ASP A 114 19.55 17.63 -3.03
N LEU A 115 18.35 18.12 -2.83
CA LEU A 115 17.32 17.39 -2.10
C LEU A 115 17.02 16.06 -2.76
N LEU A 116 16.87 16.08 -4.06
CA LEU A 116 16.57 14.85 -4.77
C LEU A 116 17.71 13.80 -4.56
N GLU A 117 18.94 14.27 -4.69
CA GLU A 117 20.15 13.43 -4.48
C GLU A 117 20.12 12.82 -3.07
N PHE A 118 19.91 13.66 -2.07
CA PHE A 118 19.83 13.25 -0.70
C PHE A 118 18.75 12.19 -0.46
N ILE A 119 17.53 12.45 -0.96
CA ILE A 119 16.46 11.46 -0.87
C ILE A 119 16.80 10.14 -1.52
N ASN A 120 17.42 10.22 -2.69
CA ASN A 120 17.87 9.02 -3.38
C ASN A 120 18.86 8.24 -2.55
N SER A 121 19.76 8.95 -1.85
CA SER A 121 20.73 8.22 -0.99
C SER A 121 20.04 7.56 0.20
N VAL A 122 19.01 8.18 0.77
CA VAL A 122 18.25 7.52 1.81
C VAL A 122 17.48 6.28 1.28
N LEU A 123 16.85 6.40 0.10
CA LEU A 123 16.12 5.26 -0.45
C LEU A 123 17.10 4.12 -0.71
N ARG A 124 18.25 4.45 -1.27
CA ARG A 124 19.28 3.44 -1.59
C ARG A 124 19.77 2.72 -0.31
N GLU A 125 19.95 3.45 0.79
CA GLU A 125 20.35 2.84 2.08
C GLU A 125 19.25 1.97 2.64
N LEU A 126 18.00 2.39 2.50
CA LEU A 126 16.87 1.62 3.04
C LEU A 126 16.69 0.35 2.22
N LYS A 127 16.86 0.42 0.92
CA LYS A 127 16.73 -0.77 0.06
C LYS A 127 17.86 -1.76 0.35
N LYS A 128 19.08 -1.27 0.60
CA LYS A 128 20.17 -2.17 1.06
C LYS A 128 19.81 -3.04 2.28
N LEU A 129 18.71 -2.76 2.99
CA LEU A 129 18.20 -3.55 4.13
C LEU A 129 16.83 -4.19 3.89
N ALA B 1 -18.48 -22.13 0.73
CA ALA B 1 -18.23 -22.99 1.90
C ALA B 1 -17.95 -22.19 3.17
N ILE B 2 -18.69 -21.11 3.40
CA ILE B 2 -18.72 -20.43 4.69
C ILE B 2 -19.09 -21.35 5.82
N ASP B 3 -20.02 -22.29 5.55
CA ASP B 3 -20.44 -23.27 6.56
C ASP B 3 -19.30 -23.97 7.14
N GLU B 4 -18.39 -24.42 6.28
CA GLU B 4 -17.28 -25.25 6.72
C GLU B 4 -16.30 -24.37 7.50
N ILE B 5 -16.16 -23.12 7.07
CA ILE B 5 -15.30 -22.16 7.78
C ILE B 5 -15.87 -21.85 9.18
N LYS B 6 -17.15 -21.58 9.25
CA LYS B 6 -17.80 -21.42 10.56
C LYS B 6 -17.64 -22.65 11.47
N SER B 7 -17.76 -23.89 10.94
CA SER B 7 -17.51 -25.11 11.74
C SER B 7 -16.08 -25.33 12.17
N ARG B 8 -15.12 -25.00 11.30
CA ARG B 8 -13.74 -25.10 11.62
C ARG B 8 -13.48 -24.13 12.76
N GLY B 9 -14.17 -23.00 12.75
CA GLY B 9 -13.98 -21.90 13.74
C GLY B 9 -13.05 -20.78 13.32
N TYR B 10 -12.41 -20.92 12.15
CA TYR B 10 -11.39 -19.91 11.78
C TYR B 10 -11.22 -19.87 10.25
N LEU B 11 -10.82 -18.69 9.79
CA LEU B 11 -10.59 -18.39 8.42
C LEU B 11 -9.12 -18.57 8.18
N LEU B 12 -8.77 -19.35 7.14
CA LEU B 12 -7.39 -19.62 6.77
C LEU B 12 -7.05 -18.69 5.61
N VAL B 13 -6.16 -17.72 5.83
CA VAL B 13 -5.80 -16.73 4.84
C VAL B 13 -4.35 -16.94 4.41
N GLY B 14 -4.13 -17.17 3.15
CA GLY B 14 -2.77 -17.32 2.64
C GLY B 14 -2.17 -15.98 2.18
N LEU B 15 -0.90 -15.77 2.48
CA LEU B 15 -0.19 -14.66 1.91
C LEU B 15 1.35 -14.94 1.95
N SER B 16 2.10 -14.04 1.35
CA SER B 16 3.56 -14.11 1.29
C SER B 16 4.10 -12.84 1.93
N ALA B 17 4.66 -12.94 3.13
CA ALA B 17 4.86 -11.75 4.00
C ALA B 17 6.20 -11.04 3.64
N ASP B 18 6.31 -10.63 2.38
CA ASP B 18 7.51 -9.94 1.89
C ASP B 18 7.11 -8.72 1.04
N PHE B 19 6.03 -8.04 1.41
CA PHE B 19 5.45 -7.02 0.51
C PHE B 19 4.86 -5.90 1.33
N PRO B 20 5.71 -5.14 2.07
CA PRO B 20 5.24 -4.03 2.85
C PRO B 20 4.68 -2.96 1.88
N PRO B 21 3.59 -2.26 2.23
CA PRO B 21 2.92 -2.27 3.51
C PRO B 21 1.72 -3.26 3.59
N PHE B 22 1.58 -4.13 2.63
CA PHE B 22 0.46 -5.06 2.57
C PHE B 22 0.62 -6.24 3.51
N GLU B 23 1.80 -6.82 3.49
CA GLU B 23 2.16 -7.90 4.43
C GLU B 23 3.67 -7.96 4.61
N PHE B 24 4.06 -7.96 5.88
CA PHE B 24 5.46 -8.07 6.23
C PHE B 24 5.64 -8.54 7.69
N VAL B 25 6.90 -8.74 8.05
CA VAL B 25 7.27 -9.22 9.38
C VAL B 25 7.81 -8.08 10.27
N ASP B 26 7.20 -7.84 11.42
CA ASP B 26 7.60 -6.69 12.28
C ASP B 26 8.89 -7.01 13.04
N GLU B 27 9.35 -6.06 13.87
CA GLU B 27 10.51 -6.24 14.80
C GLU B 27 10.59 -7.65 15.41
N ASN B 28 9.44 -8.20 15.85
CA ASN B 28 9.34 -9.46 16.63
C ASN B 28 9.24 -10.80 15.88
N GLY B 29 9.15 -10.78 14.56
CA GLY B 29 8.74 -11.96 13.81
C GLY B 29 7.23 -12.16 13.69
N ASN B 30 6.38 -11.17 14.06
CA ASN B 30 4.94 -11.20 13.71
C ASN B 30 4.57 -10.65 12.30
N ILE B 31 3.55 -11.25 11.71
CA ILE B 31 3.05 -10.84 10.36
C ILE B 31 2.00 -9.79 10.51
N VAL B 32 2.26 -8.66 9.85
CA VAL B 32 1.45 -7.50 9.98
C VAL B 32 1.26 -6.87 8.60
N GLY B 33 0.37 -5.91 8.55
CA GLY B 33 0.20 -5.07 7.36
C GLY B 33 -1.25 -4.89 6.97
N PHE B 34 -1.50 -4.13 5.89
CA PHE B 34 -2.85 -3.79 5.49
C PHE B 34 -3.71 -5.03 5.24
N ASP B 35 -3.13 -6.00 4.58
CA ASP B 35 -3.87 -7.21 4.22
C ASP B 35 -4.18 -8.03 5.46
N VAL B 36 -3.30 -7.95 6.46
CA VAL B 36 -3.54 -8.63 7.72
C VAL B 36 -4.73 -7.99 8.43
N ASP B 37 -4.76 -6.66 8.42
CA ASP B 37 -5.87 -5.96 8.98
C ASP B 37 -7.20 -6.22 8.29
N LEU B 38 -7.17 -6.34 6.97
CA LEU B 38 -8.33 -6.66 6.20
C LEU B 38 -8.77 -8.11 6.52
N ALA B 39 -7.82 -9.02 6.57
CA ALA B 39 -8.15 -10.39 6.95
C ALA B 39 -8.83 -10.49 8.34
N LYS B 40 -8.33 -9.69 9.25
CA LYS B 40 -8.87 -9.70 10.61
C LYS B 40 -10.29 -9.21 10.59
N GLU B 41 -10.57 -8.18 9.79
CA GLU B 41 -11.92 -7.64 9.74
C GLU B 41 -12.92 -8.61 9.08
N ILE B 42 -12.50 -9.28 8.01
CA ILE B 42 -13.36 -10.29 7.37
C ILE B 42 -13.67 -11.42 8.36
N ALA B 43 -12.65 -11.92 9.06
CA ALA B 43 -12.83 -12.98 10.02
C ALA B 43 -13.80 -12.50 11.11
N ARG B 44 -13.58 -11.31 11.61
CA ARG B 44 -14.40 -10.78 12.72
C ARG B 44 -15.85 -10.74 12.27
N ARG B 45 -16.07 -10.24 11.08
CA ARG B 45 -17.43 -10.12 10.55
C ARG B 45 -18.12 -11.42 10.22
N LEU B 46 -17.32 -12.45 9.93
CA LEU B 46 -17.78 -13.82 9.74
C LEU B 46 -18.09 -14.47 11.08
N GLY B 47 -17.60 -13.91 12.18
CA GLY B 47 -17.75 -14.53 13.48
C GLY B 47 -16.77 -15.62 13.79
N VAL B 48 -15.59 -15.61 13.16
CA VAL B 48 -14.57 -16.65 13.37
C VAL B 48 -13.24 -16.03 13.68
N GLU B 49 -12.30 -16.88 14.09
CA GLU B 49 -10.93 -16.48 14.31
C GLU B 49 -10.14 -16.44 12.97
N LEU B 50 -8.94 -15.87 13.02
CA LEU B 50 -8.08 -15.75 11.82
C LEU B 50 -6.83 -16.58 12.00
N LYS B 51 -6.49 -17.38 11.02
CA LYS B 51 -5.18 -17.96 10.94
C LYS B 51 -4.51 -17.55 9.64
N ILE B 52 -3.41 -16.81 9.77
CA ILE B 52 -2.61 -16.43 8.58
C ILE B 52 -1.64 -17.53 8.26
N VAL B 53 -1.58 -17.92 6.99
CA VAL B 53 -0.62 -18.93 6.58
C VAL B 53 0.39 -18.24 5.65
N ASP B 54 1.61 -18.02 6.13
CA ASP B 54 2.69 -17.39 5.33
C ASP B 54 3.35 -18.41 4.47
N MET B 55 3.51 -18.13 3.20
CA MET B 55 4.11 -19.06 2.26
C MET B 55 4.85 -18.38 1.15
N THR B 56 5.50 -19.16 0.29
CA THR B 56 6.17 -18.56 -0.86
C THR B 56 5.12 -18.14 -1.85
N TRP B 57 5.36 -17.03 -2.54
CA TRP B 57 4.44 -16.54 -3.57
C TRP B 57 3.86 -17.60 -4.52
N ASP B 58 4.71 -18.49 -5.10
CA ASP B 58 4.20 -19.49 -6.04
C ASP B 58 3.30 -20.58 -5.44
N GLY B 59 3.31 -20.74 -4.12
CA GLY B 59 2.48 -21.73 -3.48
C GLY B 59 1.07 -21.25 -3.27
N LEU B 60 0.79 -19.93 -3.37
CA LEU B 60 -0.54 -19.41 -2.99
C LEU B 60 -1.70 -19.97 -3.74
N ILE B 61 -1.72 -19.83 -5.05
CA ILE B 61 -2.87 -20.27 -5.76
C ILE B 61 -3.02 -21.81 -5.71
N PRO B 62 -1.90 -22.52 -5.83
CA PRO B 62 -2.05 -24.01 -5.63
C PRO B 62 -2.60 -24.39 -4.23
N SER B 63 -2.21 -23.61 -3.23
CA SER B 63 -2.66 -23.84 -1.85
C SER B 63 -4.17 -23.59 -1.73
N LEU B 64 -4.65 -22.54 -2.44
CA LEU B 64 -6.06 -22.22 -2.50
C LEU B 64 -6.82 -23.33 -3.21
N LEU B 65 -6.33 -23.75 -4.36
CA LEU B 65 -7.03 -24.76 -5.17
C LEU B 65 -7.18 -26.08 -4.48
N THR B 66 -6.17 -26.43 -3.70
CA THR B 66 -6.13 -27.70 -2.98
C THR B 66 -6.67 -27.58 -1.55
N LYS B 67 -7.35 -26.45 -1.26
CA LYS B 67 -8.10 -26.25 -0.04
C LYS B 67 -7.28 -26.21 1.20
N LYS B 68 -6.01 -25.86 1.13
CA LYS B 68 -5.21 -25.72 2.32
C LYS B 68 -5.38 -24.35 2.98
N ILE B 69 -5.87 -23.40 2.18
CA ILE B 69 -6.28 -22.08 2.66
C ILE B 69 -7.68 -21.77 2.06
N ASP B 70 -8.39 -20.83 2.66
CA ASP B 70 -9.73 -20.45 2.17
C ASP B 70 -9.68 -19.32 1.18
N VAL B 71 -8.77 -18.35 1.39
CA VAL B 71 -8.68 -17.15 0.55
C VAL B 71 -7.20 -16.75 0.43
N ILE B 72 -6.88 -15.96 -0.60
CA ILE B 72 -5.58 -15.28 -0.64
C ILE B 72 -5.82 -13.78 -0.48
N ILE B 73 -5.10 -13.18 0.44
CA ILE B 73 -5.13 -11.67 0.62
C ILE B 73 -3.65 -11.33 0.73
N SER B 74 -3.06 -10.96 -0.39
CA SER B 74 -1.59 -10.87 -0.47
C SER B 74 -1.11 -9.91 -1.55
N GLY B 75 -1.76 -8.74 -1.62
CA GLY B 75 -1.32 -7.74 -2.63
C GLY B 75 -1.42 -8.19 -4.06
N MET B 76 -2.38 -9.09 -4.32
CA MET B 76 -2.47 -9.82 -5.54
C MET B 76 -3.29 -9.04 -6.61
N THR B 77 -2.62 -8.73 -7.68
CA THR B 77 -3.23 -8.04 -8.79
C THR B 77 -4.23 -8.96 -9.45
N ILE B 78 -5.42 -8.43 -9.76
CA ILE B 78 -6.43 -9.14 -10.55
C ILE B 78 -5.92 -9.10 -11.98
N THR B 79 -5.63 -10.27 -12.53
CA THR B 79 -5.21 -10.42 -13.91
C THR B 79 -6.07 -11.41 -14.63
N GLU B 80 -6.09 -11.30 -15.96
CA GLU B 80 -6.85 -12.26 -16.75
C GLU B 80 -6.43 -13.73 -16.59
N GLU B 81 -5.13 -13.98 -16.55
CA GLU B 81 -4.61 -15.35 -16.40
C GLU B 81 -5.10 -15.91 -15.06
N ARG B 82 -5.02 -15.09 -14.00
CA ARG B 82 -5.45 -15.54 -12.66
C ARG B 82 -6.99 -15.79 -12.63
N LYS B 83 -7.77 -14.99 -13.36
CA LYS B 83 -9.20 -15.16 -13.37
C LYS B 83 -9.64 -16.50 -14.04
N LYS B 84 -8.77 -17.08 -14.85
CA LYS B 84 -9.09 -18.41 -15.40
C LYS B 84 -9.10 -19.52 -14.32
N VAL B 85 -8.38 -19.30 -13.21
CA VAL B 85 -8.20 -20.34 -12.20
C VAL B 85 -8.86 -20.06 -10.84
N VAL B 86 -9.01 -18.77 -10.50
CA VAL B 86 -9.69 -18.35 -9.27
C VAL B 86 -10.70 -17.25 -9.53
N ALA B 87 -11.60 -17.02 -8.57
CA ALA B 87 -12.40 -15.80 -8.55
C ALA B 87 -11.75 -14.71 -7.71
N PHE B 88 -12.03 -13.46 -8.04
CA PHE B 88 -11.58 -12.35 -7.23
C PHE B 88 -12.76 -11.56 -6.73
N SER B 89 -12.58 -11.02 -5.50
CA SER B 89 -13.47 -10.00 -4.94
C SER B 89 -13.42 -8.76 -5.76
N ASP B 90 -14.25 -7.81 -5.40
CA ASP B 90 -14.08 -6.43 -5.89
C ASP B 90 -12.63 -6.01 -5.54
N PRO B 91 -12.04 -5.12 -6.33
CA PRO B 91 -10.79 -4.53 -5.94
C PRO B 91 -10.87 -3.79 -4.62
N TYR B 92 -9.86 -4.01 -3.81
CA TYR B 92 -9.72 -3.33 -2.53
C TYR B 92 -8.57 -2.33 -2.46
N PHE B 93 -7.75 -2.28 -3.49
CA PHE B 93 -6.71 -1.31 -3.62
C PHE B 93 -6.52 -0.99 -5.09
N ASP B 94 -6.51 0.29 -5.42
CA ASP B 94 -6.40 0.81 -6.77
C ASP B 94 -5.10 1.51 -6.87
N ALA B 95 -4.13 0.83 -7.42
CA ALA B 95 -2.74 1.36 -7.42
C ALA B 95 -2.61 2.62 -8.26
N GLY B 96 -3.36 2.68 -9.36
CA GLY B 96 -3.13 3.72 -10.40
C GLY B 96 -4.08 4.92 -10.39
N GLY B 97 -5.18 4.80 -9.66
CA GLY B 97 -6.23 5.85 -9.72
C GLY B 97 -7.24 5.69 -10.87
N GLY B 98 -8.45 6.15 -10.63
CA GLY B 98 -9.56 5.92 -11.53
C GLY B 98 -9.64 4.50 -12.05
N GLY B 99 -9.31 3.48 -11.25
CA GLY B 99 -9.37 2.06 -11.71
C GLY B 99 -8.27 1.60 -12.66
N SER B 100 -7.28 2.46 -12.88
CA SER B 100 -6.15 2.18 -13.80
C SER B 100 -5.04 1.49 -13.01
N GLY B 101 -4.17 0.83 -13.74
CA GLY B 101 -3.02 0.21 -13.15
C GLY B 101 -3.54 -0.99 -12.39
N GLU B 102 -2.68 -1.51 -11.53
CA GLU B 102 -2.93 -2.77 -10.86
C GLU B 102 -4.09 -2.54 -9.89
N GLN B 103 -5.03 -3.47 -9.87
CA GLN B 103 -6.05 -3.53 -8.85
C GLN B 103 -5.87 -4.80 -8.06
N TYR B 104 -5.82 -4.67 -6.75
CA TYR B 104 -5.65 -5.83 -5.90
C TYR B 104 -7.03 -6.37 -5.52
N GLY B 105 -7.12 -7.70 -5.45
CA GLY B 105 -8.33 -8.42 -5.15
C GLY B 105 -8.01 -9.56 -4.24
N ILE B 106 -9.04 -10.00 -3.51
CA ILE B 106 -8.98 -11.21 -2.69
C ILE B 106 -9.38 -12.42 -3.56
N ALA B 107 -8.51 -13.41 -3.61
CA ALA B 107 -8.77 -14.59 -4.45
C ALA B 107 -9.55 -15.61 -3.64
N VAL B 108 -10.50 -16.27 -4.30
CA VAL B 108 -11.38 -17.25 -3.69
C VAL B 108 -11.59 -18.39 -4.73
N ARG B 109 -11.81 -19.61 -4.28
CA ARG B 109 -12.11 -20.72 -5.20
C ARG B 109 -13.43 -20.37 -5.87
N LYS B 110 -13.51 -20.67 -7.16
CA LYS B 110 -14.65 -20.20 -7.94
C LYS B 110 -15.96 -20.82 -7.46
N GLU B 111 -15.88 -22.00 -6.85
CA GLU B 111 -17.17 -22.63 -6.33
C GLU B 111 -17.68 -22.01 -5.01
N ASP B 112 -16.81 -21.29 -4.30
CA ASP B 112 -17.17 -20.63 -3.04
C ASP B 112 -17.87 -19.30 -3.26
N THR B 113 -19.06 -19.38 -3.86
CA THR B 113 -19.84 -18.20 -4.25
C THR B 113 -20.34 -17.40 -3.04
N ASP B 114 -20.69 -18.13 -2.02
CA ASP B 114 -21.15 -17.54 -0.80
C ASP B 114 -20.06 -16.70 -0.11
N LEU B 115 -18.87 -17.28 -0.04
CA LEU B 115 -17.69 -16.63 0.56
C LEU B 115 -17.34 -15.37 -0.19
N LEU B 116 -17.36 -15.45 -1.52
CA LEU B 116 -17.09 -14.30 -2.38
C LEU B 116 -18.08 -13.19 -2.16
N GLU B 117 -19.36 -13.54 -2.16
CA GLU B 117 -20.41 -12.57 -1.86
C GLU B 117 -20.31 -11.94 -0.49
N PHE B 118 -19.97 -12.72 0.51
CA PHE B 118 -19.80 -12.19 1.83
C PHE B 118 -18.62 -11.17 1.88
N ILE B 119 -17.51 -11.57 1.31
CA ILE B 119 -16.31 -10.69 1.23
C ILE B 119 -16.60 -9.37 0.55
N ASN B 120 -17.29 -9.45 -0.57
CA ASN B 120 -17.67 -8.23 -1.29
C ASN B 120 -18.55 -7.32 -0.45
N SER B 121 -19.46 -7.93 0.30
CA SER B 121 -20.32 -7.14 1.19
C SER B 121 -19.48 -6.43 2.24
N VAL B 122 -18.46 -7.10 2.76
CA VAL B 122 -17.54 -6.45 3.68
C VAL B 122 -16.74 -5.35 3.05
N LEU B 123 -16.09 -5.66 1.92
CA LEU B 123 -15.37 -4.63 1.20
C LEU B 123 -16.21 -3.37 0.83
N ARG B 124 -17.44 -3.58 0.40
CA ARG B 124 -18.32 -2.43 0.07
C ARG B 124 -18.65 -1.61 1.31
N GLU B 125 -18.85 -2.28 2.44
CA GLU B 125 -19.03 -1.58 3.71
C GLU B 125 -17.78 -0.81 4.17
N LEU B 126 -16.61 -1.44 4.07
CA LEU B 126 -15.39 -0.80 4.40
C LEU B 126 -15.18 0.39 3.49
N LYS B 127 -15.57 0.27 2.21
CA LYS B 127 -15.39 1.39 1.29
C LYS B 127 -16.28 2.58 1.68
N LYS B 128 -17.56 2.33 1.93
CA LYS B 128 -18.50 3.33 2.54
C LYS B 128 -17.93 4.04 3.77
N LEU B 129 -17.25 3.29 4.64
CA LEU B 129 -16.63 3.82 5.87
C LEU B 129 -15.44 4.78 5.68
N GLU B 130 -14.84 4.87 4.50
CA GLU B 130 -13.69 5.79 4.32
C GLU B 130 -14.11 7.27 4.21
N ARG C . -0.81 6.08 -7.73
CA ARG C . -1.96 6.98 -8.21
C ARG C . -1.44 8.26 -8.85
O ARG C . -0.21 8.53 -8.70
CB ARG C . -2.94 7.33 -7.06
CG ARG C . -2.32 7.88 -5.83
CD ARG C . -3.30 8.54 -4.91
NE ARG C . -2.69 8.96 -3.64
CZ ARG C . -3.34 9.58 -2.69
NH1 ARG C . -4.64 9.93 -2.88
NH2 ARG C . -2.74 9.89 -1.57
OXT ARG C . -2.23 9.07 -9.41
C ACT D . -8.46 13.28 5.05
O ACT D . -8.31 13.87 6.15
OXT ACT D . -7.65 13.48 4.13
CH3 ACT D . -9.63 12.33 4.84
N ARG E . 0.73 -7.19 -7.13
CA ARG E . 1.77 -8.14 -7.66
C ARG E . 1.17 -9.43 -8.19
O ARG E . 1.89 -10.22 -8.84
CB ARG E . 2.86 -8.40 -6.63
CG ARG E . 2.30 -8.80 -5.26
CD ARG E . 3.30 -9.54 -4.44
NE ARG E . 2.73 -9.77 -3.11
CZ ARG E . 3.37 -10.38 -2.12
NH1 ARG E . 2.78 -10.49 -0.93
NH2 ARG E . 4.62 -10.83 -2.31
OXT ARG E . 0.00 -9.71 -7.99
C ACT F . -23.21 -5.93 -0.63
O ACT F . -22.66 -6.83 -1.39
OXT ACT F . -24.22 -6.00 0.16
CH3 ACT F . -22.56 -4.61 -0.61
C ACT G . 8.08 -14.76 3.24
O ACT G . 9.17 -14.35 2.79
OXT ACT G . 7.22 -15.38 2.48
CH3 ACT G . 7.92 -14.45 4.71
#